data_2HJK
#
_entry.id   2HJK
#
_cell.length_a   50.508
_cell.length_b   81.553
_cell.length_c   109.781
_cell.angle_alpha   90.000
_cell.angle_beta   90.000
_cell.angle_gamma   90.000
#
_symmetry.space_group_name_H-M   'P 21 21 21'
#
loop_
_entity.id
_entity.type
_entity.pdbx_description
1 polymer 'HLA class I histocompatibility antigen B-57'
2 polymer Beta-2-microglobulin
3 polymer 'Gag protein'
4 water water
#
loop_
_entity_poly.entity_id
_entity_poly.type
_entity_poly.pdbx_seq_one_letter_code
_entity_poly.pdbx_strand_id
1 'polypeptide(L)'
;GSHSMRYFYTAMSRPGRGEPRFIAVGYVDDTQFVRFDSDAASPRMAPRAPWIEQEGPEYWDGETRNMKASAQTYRENLRI
ALRYYNQSEAGSHIIQVMYGCDVGPDGRLLRGHDQSAYDGKDYIALNEDLSSWTAADTAAQIIQRKWEAARVAEQLRAYL
EGLCVEWLRRYLENGKETLQRADPPKTHVTHHPISDHEATLRCWALGFYPAEITLTWQRDGEDQTQDTELVETRPAGDRT
FQKWAAVVVPSGEEQRYTCHVQHEGLPKPLTLRW
;
A
2 'polypeptide(L)'
;IQRTPKIQVYSRHPAENGKSNFLNCYVSGFHPSDIEVDLLKNGERIEKVEHSDLSFSKDWSFYLLYYTEFTPTEKDEYAC
RVNHVTLSQPKIVKWDRDM
;
B
3 'polypeptide(L)' KGFNPEVIPMF C
#
# COMPACT_ATOMS: atom_id res chain seq x y z
N GLY A 1 4.38 -12.57 -13.89
CA GLY A 1 5.03 -11.22 -13.61
C GLY A 1 6.24 -11.21 -12.67
N SER A 2 7.46 -11.25 -13.22
CA SER A 2 8.64 -11.20 -12.35
C SER A 2 8.75 -9.87 -11.54
N HIS A 3 8.68 -8.70 -12.17
CA HIS A 3 8.78 -7.44 -11.41
C HIS A 3 7.80 -6.37 -11.91
N SER A 4 7.52 -5.37 -11.05
CA SER A 4 6.67 -4.26 -11.46
C SER A 4 7.31 -2.93 -11.04
N MET A 5 7.00 -1.89 -11.80
CA MET A 5 7.19 -0.52 -11.29
C MET A 5 5.83 0.20 -11.31
N ARG A 6 5.51 0.90 -10.21
CA ARG A 6 4.26 1.66 -10.11
C ARG A 6 4.49 3.04 -9.56
N TYR A 7 3.79 4.03 -10.12
CA TYR A 7 3.71 5.34 -9.49
C TYR A 7 2.26 5.52 -9.11
N PHE A 8 2.05 6.13 -7.94
CA PHE A 8 0.73 6.39 -7.36
C PHE A 8 0.69 7.88 -7.03
N TYR A 9 -0.30 8.61 -7.55
CA TYR A 9 -0.53 9.99 -7.19
C TYR A 9 -1.85 10.11 -6.48
N THR A 10 -1.87 11.00 -5.50
CA THR A 10 -3.11 11.34 -4.81
C THR A 10 -3.22 12.85 -4.79
N ALA A 11 -4.33 13.38 -5.27
CA ALA A 11 -4.52 14.82 -5.31
C ALA A 11 -5.83 15.10 -4.57
N MET A 12 -5.75 15.92 -3.50
CA MET A 12 -6.83 16.05 -2.51
C MET A 12 -7.20 17.52 -2.35
N SER A 13 -8.40 17.90 -2.78
CA SER A 13 -8.80 19.28 -2.59
C SER A 13 -9.25 19.49 -1.16
N ARG A 14 -9.18 20.76 -0.74
CA ARG A 14 -9.50 21.11 0.64
C ARG A 14 -9.93 22.59 0.70
N PRO A 15 -11.14 22.90 0.18
CA PRO A 15 -11.57 24.28 0.06
C PRO A 15 -11.44 25.05 1.39
N GLY A 16 -10.83 26.22 1.31
CA GLY A 16 -10.66 27.03 2.51
C GLY A 16 -9.32 26.79 3.19
N ARG A 17 -8.63 25.70 2.81
CA ARG A 17 -7.34 25.28 3.40
C ARG A 17 -6.23 25.20 2.34
N GLY A 18 -6.31 26.10 1.37
CA GLY A 18 -5.29 26.26 0.34
C GLY A 18 -5.53 25.36 -0.84
N GLU A 19 -4.51 25.22 -1.67
CA GLU A 19 -4.59 24.47 -2.91
C GLU A 19 -4.58 22.97 -2.60
N PRO A 20 -5.14 22.13 -3.51
CA PRO A 20 -5.14 20.67 -3.27
C PRO A 20 -3.71 20.12 -3.09
N ARG A 21 -3.56 19.28 -2.08
CA ARG A 21 -2.32 18.61 -1.84
C ARG A 21 -2.11 17.52 -2.90
N PHE A 22 -0.87 17.35 -3.30
CA PHE A 22 -0.49 16.31 -4.29
C PHE A 22 0.63 15.50 -3.68
N ILE A 23 0.39 14.20 -3.47
CA ILE A 23 1.42 13.30 -2.98
C ILE A 23 1.65 12.20 -4.00
N ALA A 24 2.92 11.98 -4.36
CA ALA A 24 3.27 10.92 -5.30
C ALA A 24 4.24 9.97 -4.60
N VAL A 25 4.08 8.67 -4.82
CA VAL A 25 5.08 7.69 -4.38
C VAL A 25 5.38 6.75 -5.58
N GLY A 26 6.62 6.25 -5.64
CA GLY A 26 7.01 5.23 -6.64
C GLY A 26 7.50 3.97 -5.92
N TYR A 27 7.14 2.82 -6.52
CA TYR A 27 7.49 1.49 -6.02
C TYR A 27 8.17 0.69 -7.12
N VAL A 28 9.14 -0.14 -6.73
CA VAL A 28 9.47 -1.33 -7.54
C VAL A 28 9.01 -2.49 -6.66
N ASP A 29 8.15 -3.34 -7.21
CA ASP A 29 7.58 -4.45 -6.47
C ASP A 29 6.99 -3.88 -5.17
N ASP A 30 7.35 -4.41 -4.00
CA ASP A 30 6.85 -3.91 -2.71
C ASP A 30 7.80 -2.98 -1.96
N THR A 31 8.69 -2.33 -2.70
CA THR A 31 9.70 -1.46 -2.12
C THR A 31 9.48 -0.04 -2.65
N GLN A 32 9.16 0.90 -1.76
CA GLN A 32 9.03 2.29 -2.14
C GLN A 32 10.42 2.85 -2.42
N PHE A 33 10.56 3.70 -3.45
CA PHE A 33 11.85 4.27 -3.71
C PHE A 33 11.87 5.78 -3.91
N VAL A 34 10.72 6.43 -4.17
CA VAL A 34 10.70 7.89 -4.22
C VAL A 34 9.41 8.41 -3.63
N ARG A 35 9.38 9.69 -3.30
CA ARG A 35 8.12 10.28 -2.98
C ARG A 35 8.21 11.77 -3.21
N PHE A 36 7.06 12.42 -3.27
CA PHE A 36 6.93 13.85 -3.46
C PHE A 36 5.68 14.29 -2.67
N ASP A 37 5.74 15.43 -1.97
CA ASP A 37 4.61 15.96 -1.22
C ASP A 37 4.59 17.46 -1.43
N SER A 38 3.53 17.93 -2.08
CA SER A 38 3.44 19.36 -2.40
C SER A 38 3.36 20.18 -1.09
N ASP A 39 3.05 19.55 0.04
CA ASP A 39 3.01 20.28 1.37
C ASP A 39 4.34 20.39 2.13
N ALA A 40 5.39 19.74 1.62
CA ALA A 40 6.71 19.80 2.28
C ALA A 40 7.30 21.21 2.17
N ALA A 41 8.13 21.59 3.17
CA ALA A 41 8.76 22.90 3.12
C ALA A 41 9.40 23.16 1.75
N SER A 42 10.24 22.22 1.30
CA SER A 42 10.82 22.30 -0.05
C SER A 42 10.43 21.09 -0.90
N PRO A 43 9.28 21.15 -1.64
CA PRO A 43 8.86 19.93 -2.35
C PRO A 43 9.81 19.54 -3.46
N ARG A 44 10.36 18.34 -3.31
CA ARG A 44 11.02 17.72 -4.43
C ARG A 44 10.78 16.24 -4.40
N MET A 45 11.08 15.61 -5.53
CA MET A 45 11.12 14.15 -5.56
C MET A 45 12.33 13.73 -4.75
N ALA A 46 12.09 12.88 -3.75
CA ALA A 46 13.09 12.52 -2.76
C ALA A 46 13.27 11.00 -2.64
N PRO A 47 14.52 10.53 -2.41
CA PRO A 47 14.82 9.10 -2.32
C PRO A 47 14.18 8.45 -1.10
N ARG A 48 13.70 7.22 -1.28
CA ARG A 48 13.18 6.42 -0.19
C ARG A 48 13.79 5.01 -0.13
N ALA A 49 14.74 4.72 -1.00
CA ALA A 49 15.52 3.45 -0.98
C ALA A 49 16.96 3.80 -1.31
N PRO A 50 17.94 3.04 -0.77
CA PRO A 50 19.35 3.44 -0.98
C PRO A 50 19.85 3.32 -2.45
N TRP A 51 19.30 2.37 -3.21
CA TRP A 51 19.75 2.15 -4.57
C TRP A 51 19.37 3.28 -5.54
N ILE A 52 18.40 4.12 -5.18
CA ILE A 52 18.06 5.26 -6.04
C ILE A 52 18.97 6.47 -5.76
N GLU A 53 19.63 6.48 -4.61
CA GLU A 53 20.38 7.69 -4.16
C GLU A 53 21.51 8.08 -5.10
N GLN A 54 22.10 7.06 -5.74
CA GLN A 54 23.14 7.26 -6.72
C GLN A 54 22.72 8.01 -7.99
N GLU A 55 21.42 8.14 -8.28
CA GLU A 55 21.04 8.89 -9.46
C GLU A 55 21.48 10.34 -9.27
N GLY A 56 21.87 10.99 -10.36
CA GLY A 56 22.50 12.33 -10.26
C GLY A 56 21.48 13.46 -10.27
N PRO A 57 21.96 14.70 -10.09
CA PRO A 57 21.14 15.92 -10.09
C PRO A 57 20.14 16.00 -11.25
N GLU A 58 20.55 15.63 -12.47
CA GLU A 58 19.67 15.74 -13.61
C GLU A 58 18.41 14.85 -13.42
N TYR A 59 18.61 13.64 -12.89
CA TYR A 59 17.53 12.76 -12.51
C TYR A 59 16.56 13.43 -11.53
N TRP A 60 17.09 13.94 -10.42
CA TRP A 60 16.24 14.48 -9.35
C TRP A 60 15.53 15.77 -9.78
N ASP A 61 16.24 16.60 -10.52
CA ASP A 61 15.65 17.83 -11.04
C ASP A 61 14.53 17.50 -12.00
N GLY A 62 14.79 16.57 -12.93
CA GLY A 62 13.79 16.17 -13.91
C GLY A 62 12.54 15.58 -13.27
N GLU A 63 12.73 14.71 -12.29
CA GLU A 63 11.60 14.12 -11.54
C GLU A 63 10.84 15.19 -10.73
N THR A 64 11.59 16.09 -10.12
CA THR A 64 10.96 17.20 -9.41
C THR A 64 10.11 18.04 -10.32
N ARG A 65 10.64 18.41 -11.48
CA ARG A 65 9.91 19.24 -12.44
C ARG A 65 8.61 18.56 -12.89
N ASN A 66 8.73 17.26 -13.15
CA ASN A 66 7.57 16.44 -13.50
C ASN A 66 6.51 16.48 -12.40
N MET A 67 6.90 16.25 -11.15
CA MET A 67 5.94 16.21 -10.05
C MET A 67 5.26 17.57 -9.85
N LYS A 68 6.03 18.65 -10.02
CA LYS A 68 5.44 20.00 -9.95
C LYS A 68 4.41 20.24 -11.07
N ALA A 69 4.77 19.93 -12.32
CA ALA A 69 3.87 20.05 -13.45
C ALA A 69 2.64 19.15 -13.20
N SER A 70 2.87 17.92 -12.71
CA SER A 70 1.75 17.01 -12.41
C SER A 70 0.85 17.55 -11.31
N ALA A 71 1.44 18.15 -10.25
CA ALA A 71 0.56 18.71 -9.19
C ALA A 71 -0.38 19.79 -9.77
N GLN A 72 0.14 20.64 -10.64
CA GLN A 72 -0.64 21.69 -11.30
C GLN A 72 -1.79 21.13 -12.18
N THR A 73 -1.47 20.14 -12.98
CA THR A 73 -2.46 19.46 -13.84
C THR A 73 -3.56 18.76 -13.03
N TYR A 74 -3.18 18.04 -11.98
CA TYR A 74 -4.18 17.38 -11.14
C TYR A 74 -5.03 18.38 -10.34
N ARG A 75 -4.47 19.55 -10.02
CA ARG A 75 -5.33 20.62 -9.47
C ARG A 75 -6.40 21.11 -10.48
N GLU A 76 -6.00 21.29 -11.72
CA GLU A 76 -6.98 21.58 -12.78
C GLU A 76 -7.95 20.43 -12.99
N ASN A 77 -7.46 19.20 -12.99
CA ASN A 77 -8.40 18.05 -13.12
C ASN A 77 -9.45 17.98 -12.00
N LEU A 78 -9.09 18.38 -10.76
CA LEU A 78 -10.05 18.41 -9.67
C LEU A 78 -11.16 19.44 -10.00
N ARG A 79 -10.77 20.57 -10.57
CA ARG A 79 -11.71 21.63 -10.99
C ARG A 79 -12.63 21.13 -12.11
N ILE A 80 -12.07 20.36 -13.03
CA ILE A 80 -12.84 19.85 -14.15
C ILE A 80 -13.82 18.82 -13.68
N ALA A 81 -13.35 17.89 -12.84
CA ALA A 81 -14.22 16.85 -12.28
C ALA A 81 -15.45 17.43 -11.56
N LEU A 82 -15.24 18.53 -10.87
CA LEU A 82 -16.34 19.21 -10.20
C LEU A 82 -17.42 19.60 -11.20
N ARG A 83 -17.02 20.11 -12.37
CA ARG A 83 -17.97 20.49 -13.41
C ARG A 83 -18.64 19.26 -14.01
N TYR A 84 -17.87 18.19 -14.19
CA TYR A 84 -18.40 16.93 -14.76
C TYR A 84 -19.42 16.24 -13.87
N TYR A 85 -19.35 16.49 -12.55
CA TYR A 85 -20.28 15.86 -11.61
C TYR A 85 -21.30 16.84 -11.01
N ASN A 86 -21.31 18.06 -11.50
CA ASN A 86 -22.28 19.09 -11.05
C ASN A 86 -22.06 19.44 -9.58
N GLN A 87 -20.83 19.29 -9.09
CA GLN A 87 -20.55 19.45 -7.66
C GLN A 87 -20.10 20.87 -7.28
N SER A 88 -20.30 21.21 -6.02
CA SER A 88 -19.99 22.52 -5.46
C SER A 88 -18.49 22.69 -5.20
N GLU A 89 -18.03 23.93 -5.21
CA GLU A 89 -16.63 24.23 -4.93
C GLU A 89 -16.30 24.15 -3.44
N ALA A 90 -17.31 23.90 -2.59
CA ALA A 90 -17.12 23.79 -1.14
C ALA A 90 -16.70 22.41 -0.58
N GLY A 91 -16.85 21.34 -1.35
CA GLY A 91 -16.54 20.01 -0.80
C GLY A 91 -15.10 19.60 -1.14
N SER A 92 -14.54 18.66 -0.39
CA SER A 92 -13.21 18.12 -0.71
C SER A 92 -13.37 16.84 -1.53
N HIS A 93 -12.50 16.69 -2.53
CA HIS A 93 -12.58 15.56 -3.43
C HIS A 93 -11.18 15.05 -3.66
N ILE A 94 -11.06 13.84 -4.19
CA ILE A 94 -9.74 13.25 -4.37
C ILE A 94 -9.65 12.60 -5.77
N ILE A 95 -8.54 12.84 -6.46
CA ILE A 95 -8.24 12.09 -7.70
C ILE A 95 -7.06 11.21 -7.40
N GLN A 96 -7.12 9.94 -7.80
CA GLN A 96 -5.95 9.07 -7.67
C GLN A 96 -5.57 8.53 -9.02
N VAL A 97 -4.29 8.29 -9.21
CA VAL A 97 -3.81 7.70 -10.45
C VAL A 97 -2.79 6.64 -10.11
N MET A 98 -2.82 5.55 -10.87
CA MET A 98 -1.77 4.55 -10.77
C MET A 98 -1.28 4.31 -12.19
N TYR A 99 0.03 4.14 -12.40
CA TYR A 99 0.47 3.64 -13.72
C TYR A 99 1.75 2.87 -13.54
N GLY A 100 2.14 2.07 -14.53
CA GLY A 100 3.42 1.39 -14.42
C GLY A 100 3.47 0.22 -15.37
N CYS A 101 4.50 -0.60 -15.20
CA CYS A 101 4.76 -1.71 -16.12
C CYS A 101 5.13 -2.94 -15.31
N ASP A 102 4.87 -4.11 -15.87
CA ASP A 102 5.23 -5.40 -15.30
C ASP A 102 6.15 -5.99 -16.35
N VAL A 103 7.26 -6.59 -15.90
CA VAL A 103 8.24 -7.24 -16.80
C VAL A 103 8.43 -8.68 -16.34
N GLY A 104 8.66 -9.57 -17.30
CA GLY A 104 8.96 -10.95 -16.94
C GLY A 104 10.42 -11.15 -16.59
N PRO A 105 10.79 -12.39 -16.25
CA PRO A 105 12.16 -12.77 -15.85
C PRO A 105 13.22 -12.25 -16.82
N ASP A 106 12.89 -12.21 -18.11
CA ASP A 106 13.82 -11.72 -19.12
C ASP A 106 13.73 -10.20 -19.38
N GLY A 107 12.94 -9.49 -18.57
CA GLY A 107 12.81 -8.03 -18.65
C GLY A 107 11.95 -7.44 -19.76
N ARG A 108 11.26 -8.25 -20.55
CA ARG A 108 10.37 -7.68 -21.56
C ARG A 108 9.00 -7.33 -20.97
N LEU A 109 8.36 -6.30 -21.52
CA LEU A 109 7.04 -5.88 -21.02
C LEU A 109 6.05 -7.04 -21.00
N LEU A 110 5.48 -7.31 -19.81
CA LEU A 110 4.39 -8.26 -19.68
C LEU A 110 3.08 -7.52 -19.84
N ARG A 111 2.98 -6.34 -19.22
CA ARG A 111 1.80 -5.51 -19.39
C ARG A 111 1.93 -4.14 -18.76
N GLY A 112 1.17 -3.17 -19.31
CA GLY A 112 1.20 -1.78 -18.83
C GLY A 112 -0.12 -1.42 -18.16
N HIS A 113 -0.08 -0.36 -17.33
CA HIS A 113 -1.21 0.04 -16.48
C HIS A 113 -1.26 1.55 -16.45
N ASP A 114 -2.47 2.10 -16.47
CA ASP A 114 -2.71 3.52 -16.19
C ASP A 114 -4.20 3.66 -15.84
N GLN A 115 -4.50 3.83 -14.56
CA GLN A 115 -5.92 3.86 -14.13
C GLN A 115 -6.14 5.08 -13.28
N SER A 116 -7.38 5.61 -13.29
CA SER A 116 -7.66 6.85 -12.54
C SER A 116 -8.91 6.57 -11.72
N ALA A 117 -8.98 7.18 -10.53
CA ALA A 117 -10.21 7.17 -9.70
C ALA A 117 -10.59 8.57 -9.26
N TYR A 118 -11.87 8.77 -9.02
CA TYR A 118 -12.34 10.04 -8.46
C TYR A 118 -13.17 9.69 -7.23
N ASP A 119 -12.82 10.29 -6.11
CA ASP A 119 -13.46 9.99 -4.83
C ASP A 119 -13.51 8.51 -4.55
N GLY A 120 -12.42 7.82 -4.87
CA GLY A 120 -12.28 6.40 -4.52
C GLY A 120 -13.00 5.39 -5.43
N LYS A 121 -13.57 5.89 -6.52
CA LYS A 121 -14.30 5.08 -7.47
C LYS A 121 -13.60 5.15 -8.83
N ASP A 122 -13.58 4.02 -9.53
CA ASP A 122 -12.99 3.97 -10.88
C ASP A 122 -13.53 5.08 -11.72
N TYR A 123 -12.64 5.74 -12.44
CA TYR A 123 -13.01 6.86 -13.34
C TYR A 123 -12.71 6.48 -14.80
N ILE A 124 -11.43 6.32 -15.16
CA ILE A 124 -11.06 5.84 -16.50
C ILE A 124 -9.80 4.99 -16.38
N ALA A 125 -9.62 4.04 -17.30
CA ALA A 125 -8.48 3.13 -17.28
C ALA A 125 -8.06 2.88 -18.70
N LEU A 126 -6.75 2.91 -18.92
CA LEU A 126 -6.17 2.46 -20.17
C LEU A 126 -6.30 0.96 -20.24
N ASN A 127 -6.87 0.45 -21.34
CA ASN A 127 -7.00 -0.99 -21.50
C ASN A 127 -5.64 -1.70 -21.72
N GLU A 128 -5.62 -3.01 -21.59
CA GLU A 128 -4.38 -3.80 -21.69
C GLU A 128 -3.72 -3.66 -23.08
N ASP A 129 -4.50 -3.30 -24.10
CA ASP A 129 -3.93 -3.04 -25.44
C ASP A 129 -3.05 -1.81 -25.50
N LEU A 130 -3.12 -0.97 -24.44
CA LEU A 130 -2.40 0.32 -24.39
C LEU A 130 -2.82 1.20 -25.55
N SER A 131 -4.07 1.05 -25.98
CA SER A 131 -4.58 1.76 -27.13
C SER A 131 -5.98 2.34 -26.97
N SER A 132 -6.80 1.74 -26.12
CA SER A 132 -8.18 2.20 -25.94
C SER A 132 -8.45 2.34 -24.43
N TRP A 133 -9.58 2.94 -24.10
CA TRP A 133 -9.89 3.34 -22.74
C TRP A 133 -11.17 2.69 -22.28
N THR A 134 -11.27 2.41 -20.99
CA THR A 134 -12.58 2.06 -20.42
C THR A 134 -13.01 3.15 -19.40
N ALA A 135 -14.13 3.81 -19.69
CA ALA A 135 -14.67 4.87 -18.85
C ALA A 135 -15.77 4.32 -17.95
N ALA A 136 -15.80 4.75 -16.70
CA ALA A 136 -16.74 4.14 -15.75
C ALA A 136 -18.12 4.78 -15.76
N ASP A 137 -18.24 5.99 -16.28
CA ASP A 137 -19.51 6.69 -16.25
C ASP A 137 -19.55 7.74 -17.32
N THR A 138 -20.62 8.53 -17.38
CA THR A 138 -20.74 9.46 -18.50
C THR A 138 -19.79 10.65 -18.36
N ALA A 139 -19.33 10.95 -17.14
CA ALA A 139 -18.27 11.99 -16.98
C ALA A 139 -16.95 11.55 -17.59
N ALA A 140 -16.51 10.36 -17.22
CA ALA A 140 -15.28 9.81 -17.76
C ALA A 140 -15.33 9.57 -19.28
N GLN A 141 -16.53 9.34 -19.83
CA GLN A 141 -16.68 9.30 -21.29
C GLN A 141 -16.30 10.61 -21.98
N ILE A 142 -16.56 11.75 -21.33
CA ILE A 142 -16.09 13.06 -21.81
C ILE A 142 -14.56 13.09 -21.93
N ILE A 143 -13.87 12.71 -20.87
CA ILE A 143 -12.41 12.59 -20.87
C ILE A 143 -11.95 11.62 -21.93
N GLN A 144 -12.65 10.50 -22.05
CA GLN A 144 -12.29 9.48 -23.05
C GLN A 144 -12.26 10.06 -24.45
N ARG A 145 -13.32 10.81 -24.82
CA ARG A 145 -13.38 11.51 -26.13
C ARG A 145 -12.22 12.48 -26.32
N LYS A 146 -11.88 13.23 -25.27
CA LYS A 146 -10.78 14.18 -25.32
C LYS A 146 -9.47 13.43 -25.54
N TRP A 147 -9.31 12.35 -24.79
CA TRP A 147 -8.06 11.59 -24.87
C TRP A 147 -7.94 10.80 -26.16
N GLU A 148 -9.07 10.31 -26.67
CA GLU A 148 -9.10 9.74 -28.01
C GLU A 148 -8.68 10.74 -29.09
N ALA A 149 -9.22 11.97 -29.04
CA ALA A 149 -8.92 12.99 -30.03
C ALA A 149 -7.45 13.39 -30.00
N ALA A 150 -6.88 13.50 -28.79
CA ALA A 150 -5.50 13.88 -28.59
C ALA A 150 -4.48 12.71 -28.64
N ARG A 151 -4.92 11.50 -28.93
CA ARG A 151 -4.02 10.33 -29.03
C ARG A 151 -3.16 10.14 -27.78
N VAL A 152 -3.78 10.35 -26.62
CA VAL A 152 -3.12 10.17 -25.33
C VAL A 152 -2.63 8.73 -25.09
N ALA A 153 -3.44 7.74 -25.46
CA ALA A 153 -3.02 6.33 -25.26
C ALA A 153 -1.65 6.03 -25.92
N GLU A 154 -1.42 6.63 -27.09
CA GLU A 154 -0.13 6.52 -27.77
C GLU A 154 1.07 7.03 -26.99
N GLN A 155 0.86 8.09 -26.23
CA GLN A 155 1.92 8.65 -25.40
C GLN A 155 2.18 7.73 -24.21
N LEU A 156 1.11 7.21 -23.61
CA LEU A 156 1.27 6.24 -22.53
C LEU A 156 1.93 4.98 -23.04
N ARG A 157 1.51 4.49 -24.21
CA ARG A 157 2.10 3.28 -24.75
C ARG A 157 3.62 3.43 -24.94
N ALA A 158 4.02 4.57 -25.46
CA ALA A 158 5.44 4.82 -25.76
C ALA A 158 6.27 4.83 -24.46
N TYR A 159 5.71 5.46 -23.42
CA TYR A 159 6.31 5.40 -22.06
C TYR A 159 6.33 3.99 -21.48
N LEU A 160 5.19 3.32 -21.50
CA LEU A 160 5.08 2.02 -20.85
C LEU A 160 6.00 0.98 -21.49
N GLU A 161 6.13 1.05 -22.82
CA GLU A 161 6.95 0.07 -23.58
C GLU A 161 8.41 0.47 -23.62
N GLY A 162 8.71 1.71 -23.28
CA GLY A 162 10.05 2.27 -23.48
C GLY A 162 10.68 2.55 -22.13
N LEU A 163 10.63 3.82 -21.75
CA LEU A 163 11.26 4.31 -20.54
C LEU A 163 10.86 3.54 -19.32
N CYS A 164 9.58 3.22 -19.18
CA CYS A 164 9.13 2.52 -17.97
C CYS A 164 9.92 1.22 -17.79
N VAL A 165 9.97 0.41 -18.84
CA VAL A 165 10.68 -0.86 -18.78
C VAL A 165 12.19 -0.64 -18.63
N GLU A 166 12.74 0.33 -19.36
CA GLU A 166 14.18 0.52 -19.33
C GLU A 166 14.63 1.00 -17.96
N TRP A 167 13.89 1.93 -17.36
CA TRP A 167 14.23 2.40 -16.02
C TRP A 167 13.98 1.34 -14.94
N LEU A 168 12.91 0.56 -15.10
CA LEU A 168 12.68 -0.56 -14.16
C LEU A 168 13.86 -1.55 -14.13
N ARG A 169 14.37 -1.86 -15.33
CA ARG A 169 15.49 -2.80 -15.46
C ARG A 169 16.73 -2.23 -14.83
N ARG A 170 16.98 -0.94 -15.04
CA ARG A 170 18.06 -0.21 -14.38
C ARG A 170 17.97 -0.33 -12.85
N TYR A 171 16.81 0.00 -12.28
CA TYR A 171 16.58 -0.11 -10.85
C TYR A 171 16.77 -1.51 -10.31
N LEU A 172 16.31 -2.50 -11.07
CA LEU A 172 16.45 -3.90 -10.64
C LEU A 172 17.92 -4.29 -10.61
N GLU A 173 18.70 -3.78 -11.55
CA GLU A 173 20.17 -3.98 -11.50
C GLU A 173 20.86 -3.23 -10.31
N ASN A 174 20.62 -1.93 -10.21
CA ASN A 174 21.17 -1.09 -9.14
C ASN A 174 20.78 -1.58 -7.75
N GLY A 175 19.56 -2.12 -7.63
CA GLY A 175 19.06 -2.62 -6.35
C GLY A 175 19.02 -4.13 -6.25
N LYS A 176 19.88 -4.82 -7.02
CA LYS A 176 19.78 -6.27 -7.16
C LYS A 176 19.89 -7.03 -5.81
N GLU A 177 20.67 -6.49 -4.86
CA GLU A 177 20.85 -7.18 -3.58
C GLU A 177 19.58 -7.30 -2.75
N THR A 178 18.59 -6.44 -3.03
CA THR A 178 17.37 -6.40 -2.23
C THR A 178 16.16 -6.66 -3.14
N LEU A 179 16.09 -5.93 -4.27
CA LEU A 179 14.95 -6.10 -5.21
C LEU A 179 14.85 -7.49 -5.79
N GLN A 180 16.02 -8.12 -6.01
CA GLN A 180 16.06 -9.47 -6.56
C GLN A 180 16.36 -10.53 -5.48
N ARG A 181 16.04 -10.22 -4.23
CA ARG A 181 16.17 -11.19 -3.13
C ARG A 181 14.82 -11.40 -2.50
N ALA A 182 14.30 -12.64 -2.54
CA ALA A 182 13.13 -13.01 -1.76
C ALA A 182 13.60 -13.46 -0.39
N ASP A 183 12.95 -13.00 0.68
CA ASP A 183 13.19 -13.52 2.02
C ASP A 183 12.01 -14.38 2.38
N PRO A 184 12.25 -15.68 2.62
CA PRO A 184 11.11 -16.54 2.95
C PRO A 184 10.56 -16.23 4.34
N PRO A 185 9.29 -16.58 4.58
CA PRO A 185 8.70 -16.39 5.89
C PRO A 185 9.35 -17.29 6.96
N LYS A 186 9.55 -16.73 8.14
CA LYS A 186 9.78 -17.51 9.36
C LYS A 186 8.37 -17.87 9.84
N THR A 187 8.13 -19.16 10.02
CA THR A 187 6.78 -19.64 10.35
C THR A 187 6.69 -20.40 11.68
N HIS A 188 5.53 -20.34 12.32
CA HIS A 188 5.29 -21.20 13.50
C HIS A 188 3.77 -21.22 13.76
N VAL A 189 3.32 -22.16 14.59
CA VAL A 189 1.93 -22.20 15.00
C VAL A 189 1.87 -21.89 16.51
N THR A 190 0.92 -21.06 16.91
CA THR A 190 0.66 -20.86 18.36
C THR A 190 -0.73 -21.39 18.73
N HIS A 191 -0.94 -21.64 20.01
CA HIS A 191 -2.15 -22.34 20.46
C HIS A 191 -2.66 -21.50 21.61
N HIS A 192 -3.93 -21.09 21.56
CA HIS A 192 -4.51 -20.18 22.56
C HIS A 192 -5.86 -20.76 22.95
N PRO A 193 -5.92 -21.47 24.08
CA PRO A 193 -7.21 -21.95 24.59
C PRO A 193 -8.21 -20.82 24.73
N ILE A 194 -9.45 -21.04 24.35
CA ILE A 194 -10.45 -20.01 24.63
C ILE A 194 -11.44 -20.45 25.72
N SER A 195 -11.64 -21.77 25.83
CA SER A 195 -12.53 -22.36 26.82
C SER A 195 -12.09 -23.80 27.00
N ASP A 196 -12.81 -24.59 27.79
CA ASP A 196 -12.47 -26.00 27.92
C ASP A 196 -12.69 -26.78 26.62
N HIS A 197 -13.48 -26.21 25.73
CA HIS A 197 -14.01 -26.91 24.57
C HIS A 197 -13.34 -26.44 23.24
N GLU A 198 -12.72 -25.25 23.25
CA GLU A 198 -12.15 -24.67 22.02
C GLU A 198 -10.79 -24.04 22.25
N ALA A 199 -9.98 -24.02 21.19
CA ALA A 199 -8.72 -23.32 21.19
C ALA A 199 -8.49 -22.68 19.82
N THR A 200 -7.76 -21.58 19.81
CA THR A 200 -7.32 -20.97 18.54
C THR A 200 -5.96 -21.48 18.16
N LEU A 201 -5.84 -21.94 16.93
CA LEU A 201 -4.51 -22.22 16.40
C LEU A 201 -4.20 -21.07 15.46
N ARG A 202 -3.06 -20.39 15.65
CA ARG A 202 -2.71 -19.27 14.77
C ARG A 202 -1.40 -19.62 14.05
N CYS A 203 -1.43 -19.58 12.73
CA CYS A 203 -0.28 -19.88 11.91
C CYS A 203 0.35 -18.53 11.50
N TRP A 204 1.58 -18.31 11.90
CA TRP A 204 2.32 -17.08 11.65
C TRP A 204 3.32 -17.17 10.49
N ALA A 205 3.42 -16.09 9.71
CA ALA A 205 4.50 -15.88 8.74
C ALA A 205 5.13 -14.52 9.03
N LEU A 206 6.44 -14.50 9.28
CA LEU A 206 7.11 -13.25 9.65
C LEU A 206 8.34 -13.04 8.82
N GLY A 207 8.68 -11.77 8.61
CA GLY A 207 9.97 -11.40 8.02
C GLY A 207 10.07 -11.75 6.55
N PHE A 208 8.95 -11.89 5.86
CA PHE A 208 8.99 -12.23 4.43
C PHE A 208 8.95 -11.06 3.47
N TYR A 209 9.54 -11.26 2.28
CA TYR A 209 9.54 -10.29 1.18
C TYR A 209 9.66 -11.10 -0.12
N PRO A 210 8.80 -10.80 -1.14
CA PRO A 210 7.80 -9.73 -1.20
C PRO A 210 6.53 -10.06 -0.43
N ALA A 211 5.53 -9.20 -0.51
CA ALA A 211 4.38 -9.29 0.36
C ALA A 211 3.46 -10.47 0.00
N GLU A 212 3.51 -10.88 -1.25
CA GLU A 212 2.56 -11.89 -1.73
C GLU A 212 2.84 -13.21 -0.99
N ILE A 213 1.78 -13.80 -0.42
CA ILE A 213 1.92 -15.01 0.39
C ILE A 213 0.56 -15.72 0.44
N THR A 214 0.56 -17.04 0.60
CA THR A 214 -0.70 -17.75 0.83
C THR A 214 -0.56 -18.56 2.10
N LEU A 215 -1.48 -18.32 3.04
CA LEU A 215 -1.61 -19.07 4.28
C LEU A 215 -2.99 -19.71 4.32
N THR A 216 -3.03 -21.02 4.50
CA THR A 216 -4.30 -21.74 4.46
C THR A 216 -4.26 -22.81 5.53
N TRP A 217 -5.43 -23.04 6.17
CA TRP A 217 -5.55 -24.07 7.21
C TRP A 217 -6.39 -25.16 6.57
N GLN A 218 -5.97 -26.40 6.77
CA GLN A 218 -6.77 -27.56 6.40
C GLN A 218 -7.18 -28.30 7.65
N ARG A 219 -8.36 -28.90 7.65
CA ARG A 219 -8.79 -29.84 8.69
C ARG A 219 -9.01 -31.13 7.94
N ASP A 220 -8.31 -32.19 8.35
CA ASP A 220 -8.36 -33.50 7.66
C ASP A 220 -8.13 -33.28 6.15
N GLY A 221 -7.19 -32.40 5.83
CA GLY A 221 -6.78 -32.18 4.44
C GLY A 221 -7.71 -31.36 3.60
N GLU A 222 -8.75 -30.82 4.23
CA GLU A 222 -9.73 -29.98 3.56
C GLU A 222 -9.57 -28.51 3.95
N ASP A 223 -9.41 -27.64 2.94
CA ASP A 223 -9.24 -26.21 3.18
C ASP A 223 -10.40 -25.62 4.00
N GLN A 224 -10.06 -24.87 5.05
CA GLN A 224 -11.07 -24.26 5.92
C GLN A 224 -11.39 -22.82 5.54
N THR A 225 -11.58 -22.62 4.25
CA THR A 225 -11.74 -21.30 3.62
C THR A 225 -12.73 -20.40 4.36
N GLN A 226 -13.95 -20.91 4.56
CA GLN A 226 -15.00 -20.16 5.27
C GLN A 226 -14.81 -19.99 6.77
N ASP A 227 -13.89 -20.75 7.37
CA ASP A 227 -13.72 -20.74 8.83
C ASP A 227 -12.37 -20.19 9.33
N THR A 228 -11.59 -19.65 8.42
CA THR A 228 -10.28 -19.11 8.76
C THR A 228 -10.34 -17.59 8.87
N GLU A 229 -9.83 -17.06 9.99
CA GLU A 229 -9.63 -15.63 10.12
C GLU A 229 -8.25 -15.30 9.59
N LEU A 230 -8.21 -14.54 8.52
CA LEU A 230 -6.96 -14.12 7.91
C LEU A 230 -6.78 -12.64 8.16
N VAL A 231 -5.64 -12.20 8.69
CA VAL A 231 -5.41 -10.76 8.77
C VAL A 231 -4.77 -10.23 7.48
N GLU A 232 -4.96 -8.94 7.20
CA GLU A 232 -4.37 -8.35 6.02
C GLU A 232 -2.87 -8.42 6.22
N THR A 233 -2.14 -8.69 5.13
CA THR A 233 -0.68 -8.68 5.17
C THR A 233 -0.23 -7.27 5.58
N ARG A 234 0.74 -7.20 6.49
CA ARG A 234 1.07 -5.92 7.12
C ARG A 234 2.58 -5.70 7.08
N PRO A 235 3.02 -4.43 6.90
CA PRO A 235 4.45 -4.15 6.93
C PRO A 235 5.05 -4.18 8.33
N ALA A 236 6.24 -4.78 8.47
CA ALA A 236 6.92 -4.79 9.76
C ALA A 236 7.70 -3.50 10.00
N GLY A 237 8.03 -2.81 8.91
CA GLY A 237 8.78 -1.55 8.93
C GLY A 237 10.26 -1.66 8.60
N ASP A 238 10.72 -2.88 8.38
CA ASP A 238 12.11 -3.16 7.99
C ASP A 238 12.19 -3.74 6.60
N ARG A 239 11.18 -3.39 5.78
CA ARG A 239 10.94 -3.87 4.38
C ARG A 239 10.10 -5.16 4.29
N THR A 240 10.07 -5.92 5.38
CA THR A 240 9.42 -7.22 5.34
C THR A 240 7.97 -7.12 5.79
N PHE A 241 7.24 -8.23 5.66
CA PHE A 241 5.81 -8.24 5.93
C PHE A 241 5.51 -9.35 6.90
N GLN A 242 4.30 -9.31 7.46
CA GLN A 242 3.83 -10.32 8.43
C GLN A 242 2.40 -10.66 8.06
N LYS A 243 1.97 -11.87 8.39
CA LYS A 243 0.55 -12.22 8.21
C LYS A 243 0.31 -13.38 9.15
N TRP A 244 -0.92 -13.51 9.63
CA TRP A 244 -1.35 -14.75 10.24
C TRP A 244 -2.72 -15.24 9.78
N ALA A 245 -2.98 -16.52 10.04
CA ALA A 245 -4.24 -17.13 9.71
C ALA A 245 -4.64 -17.94 10.93
N ALA A 246 -5.91 -17.88 11.34
CA ALA A 246 -6.28 -18.53 12.58
C ALA A 246 -7.56 -19.34 12.39
N VAL A 247 -7.63 -20.45 13.10
CA VAL A 247 -8.82 -21.30 13.11
C VAL A 247 -9.16 -21.61 14.59
N VAL A 248 -10.45 -21.67 14.90
CA VAL A 248 -10.93 -22.11 16.21
C VAL A 248 -11.24 -23.60 16.08
N VAL A 249 -10.66 -24.40 16.95
CA VAL A 249 -10.67 -25.84 16.79
C VAL A 249 -11.23 -26.50 18.06
N PRO A 250 -11.93 -27.64 17.90
CA PRO A 250 -12.31 -28.37 19.13
C PRO A 250 -11.09 -28.89 19.89
N SER A 251 -11.06 -28.66 21.20
CA SER A 251 -10.00 -29.22 22.05
C SER A 251 -9.87 -30.71 21.77
N GLY A 252 -8.63 -31.16 21.62
CA GLY A 252 -8.35 -32.56 21.41
C GLY A 252 -8.34 -32.89 19.92
N GLU A 253 -8.64 -31.91 19.05
CA GLU A 253 -8.59 -32.12 17.62
C GLU A 253 -7.48 -31.33 16.90
N GLU A 254 -6.57 -30.71 17.66
CA GLU A 254 -5.54 -29.82 17.08
C GLU A 254 -4.72 -30.53 16.03
N GLN A 255 -4.45 -31.82 16.23
CA GLN A 255 -3.58 -32.55 15.29
C GLN A 255 -4.26 -32.85 13.96
N ARG A 256 -5.55 -32.60 13.84
CA ARG A 256 -6.25 -32.76 12.56
C ARG A 256 -6.09 -31.54 11.62
N TYR A 257 -5.40 -30.51 12.11
CA TYR A 257 -5.28 -29.24 11.43
C TYR A 257 -3.83 -29.06 10.94
N THR A 258 -3.68 -28.62 9.69
CA THR A 258 -2.36 -28.32 9.18
C THR A 258 -2.38 -26.93 8.52
N CYS A 259 -1.33 -26.17 8.73
CA CYS A 259 -1.19 -24.85 8.09
C CYS A 259 -0.26 -25.01 6.89
N HIS A 260 -0.63 -24.39 5.78
CA HIS A 260 0.13 -24.52 4.54
C HIS A 260 0.59 -23.13 4.11
N VAL A 261 1.87 -23.03 3.78
CA VAL A 261 2.48 -21.73 3.52
C VAL A 261 3.16 -21.74 2.14
N GLN A 262 2.73 -20.83 1.26
CA GLN A 262 3.38 -20.67 -0.04
C GLN A 262 3.98 -19.29 -0.15
N HIS A 263 5.24 -19.22 -0.56
CA HIS A 263 5.88 -17.93 -0.79
C HIS A 263 7.01 -18.13 -1.80
N GLU A 264 7.24 -17.12 -2.63
CA GLU A 264 8.30 -17.17 -3.66
C GLU A 264 9.71 -17.50 -3.13
N GLY A 265 10.00 -17.17 -1.86
CA GLY A 265 11.30 -17.50 -1.25
C GLY A 265 11.44 -18.91 -0.73
N LEU A 266 10.38 -19.71 -0.83
CA LEU A 266 10.43 -21.08 -0.32
C LEU A 266 10.68 -22.01 -1.50
N PRO A 267 11.65 -22.94 -1.38
CA PRO A 267 11.85 -23.92 -2.46
C PRO A 267 10.62 -24.80 -2.67
N LYS A 268 9.86 -25.05 -1.60
CA LYS A 268 8.58 -25.75 -1.73
C LYS A 268 7.63 -25.29 -0.62
N PRO A 269 6.31 -25.47 -0.82
CA PRO A 269 5.34 -25.05 0.22
C PRO A 269 5.61 -25.75 1.55
N LEU A 270 5.25 -25.09 2.65
CA LEU A 270 5.49 -25.61 3.98
C LEU A 270 4.20 -26.10 4.54
N THR A 271 4.29 -27.11 5.40
CA THR A 271 3.13 -27.65 6.09
C THR A 271 3.53 -27.61 7.57
N LEU A 272 2.76 -26.91 8.38
CA LEU A 272 2.98 -26.84 9.84
C LEU A 272 1.80 -27.45 10.63
N ARG A 273 2.11 -28.04 11.76
CA ARG A 273 1.07 -28.42 12.69
C ARG A 273 1.48 -27.91 14.06
N TRP A 274 0.53 -27.88 14.99
CA TRP A 274 0.88 -27.38 16.28
C TRP A 274 1.62 -28.44 17.06
N ILE B 1 -20.41 4.59 1.59
CA ILE B 1 -19.62 5.17 0.45
C ILE B 1 -18.16 5.42 0.86
N GLN B 2 -17.95 6.33 1.82
CA GLN B 2 -16.67 6.47 2.53
C GLN B 2 -16.28 5.14 3.18
N ARG B 3 -15.01 4.90 3.41
CA ARG B 3 -14.58 3.60 3.95
C ARG B 3 -13.81 3.78 5.24
N THR B 4 -14.21 3.02 6.26
CA THR B 4 -13.60 3.15 7.57
C THR B 4 -12.31 2.32 7.67
N PRO B 5 -11.31 2.85 8.40
CA PRO B 5 -10.02 2.14 8.54
C PRO B 5 -10.08 0.84 9.34
N LYS B 6 -9.37 -0.14 8.83
CA LYS B 6 -9.01 -1.33 9.57
C LYS B 6 -7.76 -0.92 10.31
N ILE B 7 -7.53 -1.50 11.49
CA ILE B 7 -6.43 -1.09 12.35
C ILE B 7 -5.77 -2.34 12.85
N GLN B 8 -4.48 -2.48 12.64
CA GLN B 8 -3.69 -3.47 13.34
C GLN B 8 -2.61 -2.84 14.19
N VAL B 9 -2.49 -3.32 15.42
CA VAL B 9 -1.47 -2.87 16.35
C VAL B 9 -0.56 -4.05 16.70
N TYR B 10 0.76 -3.88 16.54
CA TYR B 10 1.69 -5.01 16.63
C TYR B 10 3.12 -4.52 16.68
N SER B 11 4.06 -5.41 17.01
CA SER B 11 5.48 -5.04 17.06
C SER B 11 6.22 -5.57 15.83
N ARG B 12 7.33 -4.91 15.50
CA ARG B 12 8.17 -5.32 14.38
C ARG B 12 8.73 -6.71 14.62
N HIS B 13 9.21 -6.94 15.85
CA HIS B 13 9.81 -8.21 16.25
C HIS B 13 8.97 -8.85 17.33
N PRO B 14 9.08 -10.19 17.51
CA PRO B 14 8.33 -10.80 18.63
C PRO B 14 8.70 -10.08 19.93
N ALA B 15 7.70 -9.74 20.74
CA ALA B 15 7.92 -8.91 21.93
C ALA B 15 8.70 -9.66 23.02
N GLU B 16 9.70 -9.00 23.57
CA GLU B 16 10.52 -9.55 24.64
C GLU B 16 10.65 -8.45 25.65
N ASN B 17 10.03 -8.62 26.82
CA ASN B 17 10.06 -7.61 27.88
C ASN B 17 11.46 -7.14 28.15
N GLY B 18 11.58 -5.82 28.26
CA GLY B 18 12.87 -5.16 28.42
C GLY B 18 13.74 -5.02 27.18
N LYS B 19 13.32 -5.53 26.01
CA LYS B 19 14.14 -5.36 24.81
C LYS B 19 13.49 -4.40 23.81
N SER B 20 14.31 -3.47 23.32
CA SER B 20 13.89 -2.44 22.38
C SER B 20 13.29 -3.06 21.12
N ASN B 21 12.26 -2.43 20.59
CA ASN B 21 11.46 -3.00 19.51
C ASN B 21 10.82 -1.80 18.80
N PHE B 22 9.86 -2.04 17.91
CA PHE B 22 9.10 -0.98 17.29
C PHE B 22 7.67 -1.35 17.41
N LEU B 23 6.88 -0.38 17.83
CA LEU B 23 5.43 -0.50 17.92
C LEU B 23 4.86 0.06 16.64
N ASN B 24 4.01 -0.73 15.99
CA ASN B 24 3.40 -0.37 14.73
C ASN B 24 1.89 -0.24 14.84
N CYS B 25 1.33 0.77 14.19
CA CYS B 25 -0.12 0.84 13.98
C CYS B 25 -0.37 0.98 12.48
N TYR B 26 -0.92 -0.07 11.89
CA TYR B 26 -1.16 -0.11 10.45
C TYR B 26 -2.63 0.18 10.19
N VAL B 27 -2.89 1.30 9.53
CA VAL B 27 -4.26 1.65 9.18
C VAL B 27 -4.43 1.51 7.66
N SER B 28 -5.52 0.86 7.25
CA SER B 28 -5.70 0.50 5.85
C SER B 28 -7.18 0.46 5.48
N GLY B 29 -7.47 0.41 4.19
CA GLY B 29 -8.83 0.24 3.71
C GLY B 29 -9.70 1.46 3.89
N PHE B 30 -9.11 2.62 4.11
CA PHE B 30 -9.92 3.84 4.38
C PHE B 30 -9.97 4.79 3.20
N HIS B 31 -11.03 5.60 3.17
CA HIS B 31 -11.20 6.61 2.16
C HIS B 31 -12.26 7.58 2.76
N PRO B 32 -12.02 8.89 2.72
CA PRO B 32 -10.89 9.63 2.16
C PRO B 32 -9.58 9.52 3.00
N SER B 33 -8.54 10.29 2.62
CA SER B 33 -7.17 10.06 3.09
C SER B 33 -6.84 10.66 4.46
N ASP B 34 -7.58 11.68 4.87
CA ASP B 34 -7.23 12.37 6.11
C ASP B 34 -7.55 11.43 7.26
N ILE B 35 -6.61 11.30 8.17
CA ILE B 35 -6.78 10.39 9.29
C ILE B 35 -5.87 10.90 10.39
N GLU B 36 -6.30 10.70 11.62
CA GLU B 36 -5.53 11.13 12.79
C GLU B 36 -5.19 9.84 13.51
N VAL B 37 -3.91 9.62 13.79
CA VAL B 37 -3.48 8.37 14.48
C VAL B 37 -2.51 8.74 15.58
N ASP B 38 -2.81 8.32 16.81
CA ASP B 38 -1.84 8.48 17.90
C ASP B 38 -1.43 7.12 18.40
N LEU B 39 -0.19 7.01 18.83
CA LEU B 39 0.24 5.85 19.61
C LEU B 39 0.27 6.31 21.06
N LEU B 40 -0.24 5.44 21.93
CA LEU B 40 -0.43 5.71 23.37
C LEU B 40 0.39 4.73 24.24
N LYS B 41 0.93 5.26 25.34
CA LYS B 41 1.57 4.47 26.38
C LYS B 41 0.83 4.76 27.68
N ASN B 42 0.17 3.75 28.25
CA ASN B 42 -0.68 3.93 29.44
C ASN B 42 -1.60 5.15 29.29
N GLY B 43 -2.35 5.18 28.17
CA GLY B 43 -3.29 6.26 27.86
C GLY B 43 -2.70 7.57 27.36
N GLU B 44 -1.40 7.77 27.49
CA GLU B 44 -0.85 9.03 27.05
C GLU B 44 -0.19 8.95 25.70
N ARG B 45 -0.28 10.07 24.96
CA ARG B 45 0.24 10.14 23.59
C ARG B 45 1.77 10.11 23.57
N ILE B 46 2.34 9.17 22.79
CA ILE B 46 3.78 9.11 22.53
C ILE B 46 4.10 10.21 21.53
N GLU B 47 5.13 11.02 21.79
CA GLU B 47 5.47 12.15 20.91
C GLU B 47 6.25 11.79 19.66
N LYS B 48 7.15 10.83 19.79
CA LYS B 48 8.05 10.48 18.71
C LYS B 48 7.36 9.39 17.89
N VAL B 49 6.40 9.78 17.02
CA VAL B 49 5.76 8.81 16.13
C VAL B 49 5.97 9.23 14.66
N GLU B 50 6.53 8.32 13.85
CA GLU B 50 6.66 8.58 12.42
C GLU B 50 5.62 7.80 11.61
N HIS B 51 5.50 8.13 10.34
CA HIS B 51 4.56 7.41 9.50
C HIS B 51 5.05 7.34 8.05
N SER B 52 4.63 6.28 7.36
CA SER B 52 4.95 6.08 5.96
C SER B 52 4.28 7.13 5.07
N ASP B 53 4.74 7.23 3.81
CA ASP B 53 4.15 8.16 2.84
C ASP B 53 2.83 7.57 2.36
N LEU B 54 1.83 8.43 2.15
CA LEU B 54 0.48 7.98 1.74
C LEU B 54 0.54 7.17 0.46
N SER B 55 0.02 5.95 0.51
CA SER B 55 -0.12 5.13 -0.70
C SER B 55 -1.51 4.50 -0.64
N PHE B 56 -1.83 3.70 -1.65
CA PHE B 56 -3.15 3.10 -1.74
C PHE B 56 -3.13 1.74 -2.42
N SER B 57 -4.13 0.92 -2.09
CA SER B 57 -4.29 -0.42 -2.66
C SER B 57 -5.02 -0.41 -4.00
N LYS B 58 -5.15 -1.60 -4.60
CA LYS B 58 -5.75 -1.74 -5.93
C LYS B 58 -7.21 -1.27 -5.98
N ASP B 59 -7.83 -1.26 -4.80
CA ASP B 59 -9.19 -0.78 -4.67
C ASP B 59 -9.31 0.71 -4.31
N TRP B 60 -8.17 1.41 -4.39
CA TRP B 60 -8.09 2.85 -4.18
C TRP B 60 -8.11 3.26 -2.70
N SER B 61 -8.34 2.32 -1.79
CA SER B 61 -8.32 2.64 -0.37
C SER B 61 -6.87 2.87 0.09
N PHE B 62 -6.74 3.78 1.04
CA PHE B 62 -5.40 4.23 1.52
C PHE B 62 -4.85 3.35 2.60
N TYR B 63 -3.52 3.40 2.76
CA TYR B 63 -2.86 2.77 3.91
C TYR B 63 -1.66 3.55 4.40
N LEU B 64 -1.42 3.46 5.71
CA LEU B 64 -0.34 4.13 6.38
C LEU B 64 0.14 3.29 7.54
N LEU B 65 1.45 3.29 7.76
CA LEU B 65 2.09 2.68 8.91
C LEU B 65 2.57 3.81 9.82
N TYR B 66 2.09 3.82 11.06
CA TYR B 66 2.65 4.70 12.09
C TYR B 66 3.46 3.83 13.00
N TYR B 67 4.58 4.36 13.48
CA TYR B 67 5.46 3.54 14.29
C TYR B 67 6.34 4.35 15.20
N THR B 68 6.76 3.70 16.27
CA THR B 68 7.64 4.35 17.21
C THR B 68 8.50 3.28 17.85
N GLU B 69 9.71 3.66 18.21
CA GLU B 69 10.54 2.78 19.07
C GLU B 69 9.93 2.63 20.45
N PHE B 70 9.89 1.39 20.94
CA PHE B 70 9.41 1.09 22.30
C PHE B 70 10.19 -0.09 22.92
N THR B 71 10.16 -0.17 24.25
CA THR B 71 10.71 -1.28 24.98
C THR B 71 9.56 -1.81 25.80
N PRO B 72 8.96 -2.93 25.35
CA PRO B 72 7.81 -3.43 26.11
C PRO B 72 8.20 -3.99 27.47
N THR B 73 7.23 -4.00 28.37
CA THR B 73 7.39 -4.53 29.72
C THR B 73 6.15 -5.36 30.01
N GLU B 74 6.13 -6.02 31.16
CA GLU B 74 4.97 -6.80 31.53
C GLU B 74 3.75 -5.91 31.84
N LYS B 75 3.97 -4.74 32.42
CA LYS B 75 2.86 -3.90 32.89
C LYS B 75 2.41 -2.77 31.93
N ASP B 76 3.33 -2.23 31.13
CA ASP B 76 2.96 -1.11 30.26
C ASP B 76 1.93 -1.50 29.21
N GLU B 77 0.97 -0.59 29.01
CA GLU B 77 -0.11 -0.78 28.06
C GLU B 77 0.15 0.10 26.86
N TYR B 78 -0.02 -0.47 25.68
CA TYR B 78 0.16 0.29 24.44
C TYR B 78 -1.10 0.18 23.61
N ALA B 79 -1.40 1.28 22.90
CA ALA B 79 -2.59 1.35 22.09
C ALA B 79 -2.39 2.30 20.92
N CYS B 80 -3.25 2.13 19.93
CA CYS B 80 -3.30 3.03 18.81
C CYS B 80 -4.68 3.69 18.84
N ARG B 81 -4.73 5.01 18.71
CA ARG B 81 -6.01 5.72 18.69
C ARG B 81 -6.20 6.41 17.33
N VAL B 82 -7.31 6.10 16.67
CA VAL B 82 -7.57 6.52 15.28
C VAL B 82 -8.88 7.28 15.18
N ASN B 83 -8.82 8.43 14.51
CA ASN B 83 -10.01 9.17 14.09
C ASN B 83 -9.99 9.35 12.58
N HIS B 84 -11.20 9.29 12.01
CA HIS B 84 -11.42 9.39 10.57
C HIS B 84 -12.84 9.97 10.40
N VAL B 85 -13.15 10.52 9.24
CA VAL B 85 -14.54 11.00 8.97
C VAL B 85 -15.61 9.97 9.31
N THR B 86 -15.31 8.70 9.08
CA THR B 86 -16.26 7.62 9.21
C THR B 86 -16.55 7.21 10.66
N LEU B 87 -15.80 7.75 11.61
CA LEU B 87 -15.94 7.33 13.01
C LEU B 87 -16.62 8.44 13.84
N SER B 88 -17.68 8.09 14.58
CA SER B 88 -18.33 9.07 15.47
C SER B 88 -17.37 9.53 16.57
N GLN B 89 -16.61 8.59 17.12
CA GLN B 89 -15.56 8.91 18.07
C GLN B 89 -14.28 8.15 17.74
N PRO B 90 -13.12 8.62 18.25
CA PRO B 90 -11.85 7.90 18.07
C PRO B 90 -11.95 6.44 18.49
N LYS B 91 -11.39 5.56 17.67
CA LYS B 91 -11.37 4.14 18.00
C LYS B 91 -10.01 3.85 18.63
N ILE B 92 -10.01 3.12 19.74
CA ILE B 92 -8.76 2.79 20.45
C ILE B 92 -8.56 1.28 20.37
N VAL B 93 -7.43 0.87 19.79
CA VAL B 93 -7.11 -0.53 19.70
C VAL B 93 -5.86 -0.78 20.54
N LYS B 94 -5.97 -1.71 21.49
CA LYS B 94 -4.88 -2.05 22.40
C LYS B 94 -3.92 -3.01 21.74
N TRP B 95 -2.63 -2.85 21.97
CA TRP B 95 -1.65 -3.81 21.50
C TRP B 95 -1.83 -5.12 22.25
N ASP B 96 -2.00 -6.21 21.52
CA ASP B 96 -1.98 -7.57 22.08
C ASP B 96 -0.76 -8.25 21.50
N ARG B 97 0.20 -8.59 22.35
CA ARG B 97 1.48 -9.15 21.87
C ARG B 97 1.36 -10.48 21.10
N ASP B 98 0.17 -11.09 21.10
CA ASP B 98 -0.12 -12.35 20.39
C ASP B 98 -0.94 -12.17 19.13
N MET B 99 -0.99 -10.95 18.61
CA MET B 99 -1.80 -10.71 17.43
C MET B 99 -1.11 -9.78 16.42
N LYS C 1 11.49 5.89 -13.12
CA LYS C 1 11.30 7.22 -13.77
C LYS C 1 9.85 7.43 -14.18
N GLY C 2 9.27 8.54 -13.73
CA GLY C 2 7.83 8.83 -13.93
C GLY C 2 7.49 9.16 -15.37
N PHE C 3 6.21 9.06 -15.71
CA PHE C 3 5.69 9.49 -17.01
C PHE C 3 5.73 11.00 -17.12
N ASN C 4 6.39 11.50 -18.16
CA ASN C 4 6.67 12.93 -18.24
C ASN C 4 6.34 13.42 -19.65
N PRO C 5 5.03 13.51 -19.98
CA PRO C 5 4.66 13.90 -21.33
C PRO C 5 4.87 15.39 -21.54
N GLU C 6 4.98 15.82 -22.80
CA GLU C 6 5.04 17.24 -23.12
C GLU C 6 3.88 17.98 -22.43
N VAL C 7 2.67 17.47 -22.62
CA VAL C 7 1.46 18.01 -22.03
C VAL C 7 0.83 16.94 -21.16
N ILE C 8 0.73 17.20 -19.85
CA ILE C 8 0.17 16.20 -18.97
C ILE C 8 -1.35 16.14 -19.22
N PRO C 9 -1.91 14.93 -19.42
CA PRO C 9 -3.31 14.95 -19.89
C PRO C 9 -4.34 15.47 -18.87
N MET C 10 -5.19 16.34 -19.38
CA MET C 10 -6.30 16.89 -18.61
C MET C 10 -7.61 16.15 -18.84
N PHE C 11 -8.42 16.14 -17.79
CA PHE C 11 -9.72 15.49 -17.84
C PHE C 11 -10.61 16.19 -18.88
#